data_7YHP
#
_entry.id   7YHP
#
_cell.length_a   1.00
_cell.length_b   1.00
_cell.length_c   1.00
_cell.angle_alpha   90.00
_cell.angle_beta   90.00
_cell.angle_gamma   90.00
#
_symmetry.space_group_name_H-M   'P 1'
#
loop_
_entity.id
_entity.type
_entity.pdbx_description
1 polymer 'Sex-determining region Y protein,REPRESSOR OF SILENCING 1,DNA glycosylase/AP lyase ROS1'
2 polymer 'DNA (40-MER)'
3 polymer 'DNA (40-MER)'
4 non-polymer 'IRON/SULFUR CLUSTER'
#
loop_
_entity_poly.entity_id
_entity_poly.type
_entity_poly.pdbx_seq_one_letter_code
_entity_poly.pdbx_strand_id
1 'polypeptide(L)'
;SVQDRVKRPMNAFIVWSRDQRRKMALENPRMRNSEISKQLGYQWKMLTEAEKWPFFQEAQKLQAMHREKYPNYKYRKGGS
SAGAIVPVTPVKKPRPRPKVDLDDETDRVWKLLLENINSEGVDGSDEQKAKWWEEERNVFRGRADSFIARMHLVQGDRRF
TPWKGSVVDSVVGVFLTQNVSDHLSSSAFMSLASQFPVPFVPSSNFDAGTSSMPSIQITYLDSEETMSSPPDHNHSCQKP
TLKEKGKKVLKEEKKAFDWDCLRREAQARAGIREKTRSTMDTVDWKAIRAADVKEVAETIKSRGMNHKLAERIQGFLDRL
VNDHGSIDLEWLRDVPPDKAKEYLLSFNGLGLKSVECVRLLTLHHLAFPVNTNVGRIAVRLGWVPLQPLPESLQLHLLEM
YPMLESIQKYLWPRLCKLDQKTLYELHYQMITFGKVFCTKSKPNCNACPMKGECRHFASAFASARLALPSTEKTCCEPII
EEPASPEPETAEVSIADIEEAFFEDPEEIPTIRLNMDAFTSNLKKIMEHNKELQDGNMSSALVALTAETASLPMPKLKNI
SQLRTEHRVYELPDEHPLLAQLEKREPDDPCSYLLAIWTPGETADSIQPSVSTCIFQANGMLCDEETCFSCNSIKETRSQ
IVRGTILIPCRTAMRGSFPLNGTYFQVNEVFADHASSLNPINVPRELIWELPRRTVYFGTSVPTIFKGLSTEKIQACFWK
GYVCVRGFDRKTRGPKPLIARLHFPASKLKGQQANLA
;
A
2 'polydeoxyribonucleotide'
;(DT)(DA)(DG)(DC)(DT)(DG)(DT)(DG)(DT)(DG)(DA)(DT)(DC)(DC)(DG)(DG)(DA)(DG)(DT)(DC)
(DT)(DG)(DA)(DA)(DA)(DC)(DA)(DA)(DT)(DG)(DC)(DA)(DT)(DC)(DA)(DC)(DA)(DT)(DG)(DC)
;
B
3 'polydeoxyribonucleotide'
;(DG)(DC)(DA)(DT)(DG)(DT)(DG)(DA)(DT)(DG)(DC)(DA)(DT)(DT)(DG)(DT)(DT)(DT)(DC)(DA)
(DG)(DA)(DC)(DT)(DC)(5CM)(DG)(DG)(DA)(DT)(DC)(DA)(DC)(DT)(DC)(DA)(DG)(DC)(DT)
(DA)
;
C
#
# COMPACT_ATOMS: atom_id res chain seq x y z
N LYS A 131 -39.96 1.85 5.69
CA LYS A 131 -38.61 1.71 6.20
C LYS A 131 -37.78 0.77 5.34
N TRP A 132 -37.82 0.98 4.03
CA TRP A 132 -37.05 0.13 3.13
C TRP A 132 -35.55 0.36 3.31
N TRP A 133 -35.15 1.60 3.60
CA TRP A 133 -33.75 1.88 3.88
C TRP A 133 -33.24 1.12 5.10
N GLU A 134 -34.14 0.77 6.02
CA GLU A 134 -33.74 -0.05 7.16
C GLU A 134 -33.24 -1.41 6.70
N GLU A 135 -33.91 -2.00 5.71
CA GLU A 135 -33.42 -3.24 5.12
C GLU A 135 -32.26 -3.01 4.16
N GLU A 136 -32.22 -1.85 3.49
CA GLU A 136 -31.14 -1.57 2.55
C GLU A 136 -29.79 -1.52 3.26
N ARG A 137 -29.74 -0.86 4.42
CA ARG A 137 -28.48 -0.78 5.15
C ARG A 137 -28.18 -2.06 5.90
N ASN A 138 -29.21 -2.82 6.29
CA ASN A 138 -28.98 -4.04 7.05
C ASN A 138 -28.41 -5.15 6.16
N VAL A 139 -28.88 -5.26 4.92
CA VAL A 139 -28.40 -6.33 4.05
C VAL A 139 -26.93 -6.11 3.68
N PHE A 140 -26.54 -4.86 3.43
CA PHE A 140 -25.15 -4.59 3.07
C PHE A 140 -24.23 -4.72 4.27
N ARG A 141 -24.70 -4.29 5.45
CA ARG A 141 -23.87 -4.39 6.65
C ARG A 141 -23.58 -5.85 6.99
N GLY A 142 -24.57 -6.73 6.85
CA GLY A 142 -24.33 -8.14 7.08
C GLY A 142 -23.38 -8.74 6.06
N ARG A 143 -23.50 -8.32 4.81
CA ARG A 143 -22.60 -8.82 3.77
C ARG A 143 -21.19 -8.26 3.95
N ALA A 144 -21.08 -6.97 4.27
CA ALA A 144 -19.76 -6.36 4.43
C ALA A 144 -19.02 -6.96 5.62
N ASP A 145 -19.71 -7.18 6.73
CA ASP A 145 -19.05 -7.70 7.92
C ASP A 145 -18.68 -9.17 7.77
N SER A 146 -19.44 -9.93 6.98
CA SER A 146 -19.05 -11.29 6.67
C SER A 146 -17.78 -11.31 5.83
N PHE A 147 -17.67 -10.38 4.88
CA PHE A 147 -16.44 -10.26 4.09
C PHE A 147 -15.26 -9.84 4.96
N ILE A 148 -15.49 -8.91 5.89
CA ILE A 148 -14.40 -8.45 6.75
C ILE A 148 -13.93 -9.56 7.67
N ALA A 149 -14.87 -10.31 8.25
CA ALA A 149 -14.49 -11.36 9.20
C ALA A 149 -13.71 -12.48 8.52
N ARG A 150 -14.17 -12.90 7.33
CA ARG A 150 -13.51 -14.00 6.65
C ARG A 150 -12.08 -13.64 6.23
N MET A 151 -11.89 -12.43 5.70
CA MET A 151 -10.56 -12.01 5.27
C MET A 151 -9.64 -11.74 6.45
N HIS A 152 -10.19 -11.61 7.66
CA HIS A 152 -9.35 -11.41 8.83
C HIS A 152 -8.45 -12.62 9.09
N LEU A 153 -9.01 -13.83 8.98
CA LEU A 153 -8.21 -15.02 9.21
C LEU A 153 -7.24 -15.28 8.08
N VAL A 154 -7.66 -15.03 6.84
CA VAL A 154 -6.84 -15.36 5.68
C VAL A 154 -5.70 -14.36 5.50
N GLN A 155 -6.01 -13.07 5.60
CA GLN A 155 -5.08 -12.02 5.18
C GLN A 155 -4.58 -11.18 6.35
N GLY A 156 -4.57 -11.74 7.56
CA GLY A 156 -4.01 -11.02 8.68
C GLY A 156 -4.90 -9.90 9.19
N ASP A 157 -4.32 -9.09 10.07
CA ASP A 157 -5.02 -7.96 10.68
C ASP A 157 -4.81 -6.72 9.81
N ARG A 158 -5.90 -6.22 9.21
CA ARG A 158 -5.86 -5.02 8.40
C ARG A 158 -6.51 -3.83 9.10
N ARG A 159 -6.59 -3.87 10.43
CA ARG A 159 -7.25 -2.81 11.19
C ARG A 159 -6.47 -1.51 11.08
N PHE A 160 -7.18 -0.40 11.30
CA PHE A 160 -6.60 0.92 11.12
C PHE A 160 -5.48 1.16 12.14
N THR A 161 -4.34 1.62 11.64
CA THR A 161 -3.22 2.04 12.47
C THR A 161 -2.69 3.32 11.85
N PRO A 162 -2.46 4.36 12.63
CA PRO A 162 -2.07 5.65 12.06
C PRO A 162 -0.69 5.61 11.40
N TRP A 163 -0.53 6.47 10.39
CA TRP A 163 0.74 6.71 9.75
C TRP A 163 1.01 8.21 9.73
N LYS A 164 2.29 8.58 9.78
CA LYS A 164 2.67 9.97 9.76
C LYS A 164 2.56 10.53 8.34
N GLY A 165 2.99 11.77 8.17
CA GLY A 165 2.97 12.41 6.87
C GLY A 165 1.89 13.47 6.76
N SER A 166 2.11 14.42 5.86
CA SER A 166 1.18 15.52 5.65
C SER A 166 0.09 15.10 4.68
N VAL A 167 -0.71 16.07 4.23
CA VAL A 167 -1.81 15.78 3.32
C VAL A 167 -1.42 16.02 1.86
N VAL A 168 -0.49 16.96 1.61
CA VAL A 168 0.02 17.16 0.26
C VAL A 168 0.70 15.90 -0.25
N ASP A 169 1.35 15.16 0.65
CA ASP A 169 1.90 13.86 0.28
C ASP A 169 0.81 12.93 -0.22
N SER A 170 -0.34 12.90 0.47
CA SER A 170 -1.45 12.06 0.04
C SER A 170 -1.99 12.50 -1.32
N VAL A 171 -2.10 13.81 -1.53
CA VAL A 171 -2.61 14.30 -2.82
C VAL A 171 -1.66 13.93 -3.95
N VAL A 172 -0.36 14.08 -3.73
CA VAL A 172 0.60 13.72 -4.77
C VAL A 172 0.61 12.22 -4.99
N GLY A 173 0.44 11.44 -3.93
CA GLY A 173 0.36 9.99 -4.11
C GLY A 173 -0.84 9.59 -4.94
N VAL A 174 -2.00 10.22 -4.67
CA VAL A 174 -3.18 9.90 -5.46
C VAL A 174 -3.02 10.40 -6.89
N PHE A 175 -2.23 11.45 -7.09
CA PHE A 175 -1.85 11.85 -8.44
C PHE A 175 -1.04 10.74 -9.12
N LEU A 176 -0.10 10.15 -8.39
CA LEU A 176 0.80 9.16 -8.96
C LEU A 176 0.16 7.79 -9.11
N THR A 177 -1.00 7.54 -8.52
CA THR A 177 -1.63 6.23 -8.58
C THR A 177 -2.73 6.15 -9.64
N GLN A 178 -2.70 7.01 -10.66
CA GLN A 178 -3.81 7.09 -11.60
C GLN A 178 -4.04 5.80 -12.39
N ASN A 179 -3.10 5.42 -13.26
CA ASN A 179 -3.24 4.19 -14.05
C ASN A 179 -1.90 3.46 -14.02
N VAL A 180 -1.66 2.72 -12.94
CA VAL A 180 -0.40 2.01 -12.74
C VAL A 180 -0.58 1.03 -11.60
N SER A 181 0.22 -0.04 -11.58
CA SER A 181 0.19 -0.97 -10.47
C SER A 181 0.74 -0.31 -9.21
N ASP A 182 0.33 -0.85 -8.06
CA ASP A 182 0.62 -0.18 -6.79
C ASP A 182 2.12 -0.13 -6.49
N HIS A 183 2.84 -1.21 -6.77
CA HIS A 183 4.27 -1.22 -6.45
C HIS A 183 5.04 -0.18 -7.27
N LEU A 184 4.67 -0.01 -8.53
CA LEU A 184 5.32 0.99 -9.36
C LEU A 184 5.06 2.40 -8.83
N SER A 185 3.83 2.69 -8.43
CA SER A 185 3.50 4.02 -7.91
C SER A 185 4.22 4.29 -6.60
N SER A 186 4.25 3.29 -5.70
CA SER A 186 4.96 3.48 -4.44
C SER A 186 6.45 3.68 -4.67
N SER A 187 7.04 2.93 -5.60
CA SER A 187 8.46 3.12 -5.92
C SER A 187 8.70 4.49 -6.55
N ALA A 188 7.75 4.98 -7.34
CA ALA A 188 7.88 6.32 -7.90
C ALA A 188 7.88 7.38 -6.81
N PHE A 189 7.00 7.23 -5.81
CA PHE A 189 7.00 8.19 -4.71
C PHE A 189 8.28 8.08 -3.88
N MET A 190 8.79 6.86 -3.70
CA MET A 190 10.06 6.69 -3.00
C MET A 190 11.20 7.35 -3.77
N SER A 191 11.18 7.26 -5.10
CA SER A 191 12.16 7.96 -5.92
C SER A 191 12.04 9.46 -5.77
N LEU A 192 10.80 9.97 -5.70
CA LEU A 192 10.60 11.39 -5.47
C LEU A 192 11.19 11.81 -4.13
N ALA A 193 10.97 11.02 -3.09
CA ALA A 193 11.52 11.33 -1.77
C ALA A 193 13.04 11.27 -1.78
N SER A 194 13.62 10.28 -2.46
CA SER A 194 15.07 10.12 -2.47
C SER A 194 15.76 11.23 -3.26
N GLN A 195 15.27 11.53 -4.46
CA GLN A 195 15.91 12.54 -5.28
C GLN A 195 15.72 13.93 -4.69
N PHE A 196 14.56 14.20 -4.10
CA PHE A 196 14.27 15.46 -3.43
C PHE A 196 14.03 15.15 -1.96
N PRO A 197 15.06 15.22 -1.11
CA PRO A 197 14.91 14.81 0.28
C PRO A 197 14.55 15.96 1.21
N VAL A 198 13.88 15.62 2.30
CA VAL A 198 13.60 16.60 3.34
C VAL A 198 14.86 16.83 4.16
N PRO A 199 15.36 18.07 4.27
CA PRO A 199 16.59 18.38 5.02
C PRO A 199 16.49 18.04 6.50
N ARG A 277 0.79 10.94 14.49
CA ARG A 277 0.96 11.30 13.08
C ARG A 277 1.64 12.65 12.93
N SER A 278 2.96 12.65 12.91
CA SER A 278 3.73 13.88 12.71
C SER A 278 3.53 14.35 11.28
N THR A 279 2.78 15.44 11.11
CA THR A 279 2.41 15.95 9.79
C THR A 279 3.52 16.86 9.27
N MET A 280 4.59 16.23 8.81
CA MET A 280 5.72 16.94 8.22
C MET A 280 5.99 16.39 6.82
N ASP A 281 6.39 17.28 5.92
CA ASP A 281 6.69 16.89 4.55
C ASP A 281 7.90 15.97 4.51
N THR A 282 7.80 14.89 3.73
CA THR A 282 8.92 14.03 3.44
C THR A 282 9.61 14.40 2.13
N VAL A 283 8.97 15.20 1.29
CA VAL A 283 9.51 15.62 0.01
C VAL A 283 9.53 17.14 -0.04
N ASP A 284 10.55 17.69 -0.70
CA ASP A 284 10.65 19.12 -0.90
C ASP A 284 9.77 19.49 -2.09
N TRP A 285 8.53 19.87 -1.81
CA TRP A 285 7.60 20.19 -2.89
C TRP A 285 7.96 21.53 -3.55
N LYS A 286 8.58 22.43 -2.80
CA LYS A 286 9.06 23.67 -3.41
C LYS A 286 10.12 23.38 -4.46
N ALA A 287 11.02 22.43 -4.18
CA ALA A 287 12.00 22.02 -5.18
C ALA A 287 11.34 21.31 -6.36
N ILE A 288 10.28 20.56 -6.11
CA ILE A 288 9.54 19.93 -7.20
C ILE A 288 8.96 20.99 -8.13
N ARG A 289 8.35 22.03 -7.56
CA ARG A 289 7.82 23.11 -8.37
C ARG A 289 8.94 23.89 -9.06
N ALA A 290 10.12 23.96 -8.43
CA ALA A 290 11.26 24.61 -9.06
C ALA A 290 11.88 23.71 -10.13
N ALA A 291 11.83 22.40 -9.93
CA ALA A 291 12.44 21.47 -10.88
C ALA A 291 11.69 21.49 -12.21
N ASP A 292 12.44 21.32 -13.29
CA ASP A 292 11.87 21.28 -14.62
C ASP A 292 11.01 20.03 -14.79
N VAL A 293 10.05 20.13 -15.72
CA VAL A 293 9.16 19.00 -15.98
C VAL A 293 9.94 17.78 -16.47
N LYS A 294 11.04 18.01 -17.20
CA LYS A 294 11.83 16.90 -17.71
C LYS A 294 12.47 16.09 -16.58
N GLU A 295 13.01 16.77 -15.57
CA GLU A 295 13.68 16.04 -14.49
C GLU A 295 12.67 15.29 -13.60
N VAL A 296 11.56 15.93 -13.25
CA VAL A 296 10.56 15.25 -12.44
C VAL A 296 9.87 14.15 -13.23
N ALA A 297 9.82 14.26 -14.56
CA ALA A 297 9.34 13.13 -15.37
C ALA A 297 10.38 12.02 -15.41
N GLU A 298 11.67 12.38 -15.38
CA GLU A 298 12.72 11.37 -15.29
C GLU A 298 12.65 10.60 -13.97
N THR A 299 12.32 11.30 -12.88
CA THR A 299 12.26 10.64 -11.58
C THR A 299 11.20 9.55 -11.56
N ILE A 300 10.04 9.81 -12.16
CA ILE A 300 8.92 8.88 -12.12
C ILE A 300 8.73 8.21 -13.47
N LYS A 301 9.83 8.06 -14.22
CA LYS A 301 9.74 7.41 -15.54
C LYS A 301 9.17 6.01 -15.44
N SER A 302 9.67 5.21 -14.49
CA SER A 302 9.29 3.81 -14.40
C SER A 302 7.79 3.63 -14.15
N ARG A 303 7.11 4.66 -13.65
CA ARG A 303 5.68 4.56 -13.42
C ARG A 303 4.89 4.67 -14.72
N GLY A 304 5.39 5.42 -15.69
CA GLY A 304 4.67 5.70 -16.91
C GLY A 304 3.87 6.99 -16.83
N MET A 305 3.50 7.51 -18.01
CA MET A 305 2.80 8.78 -18.12
C MET A 305 3.59 9.88 -17.39
N ASN A 306 4.91 9.82 -17.52
CA ASN A 306 5.78 10.64 -16.68
C ASN A 306 5.57 12.13 -16.93
N HIS A 307 5.54 12.54 -18.20
CA HIS A 307 5.49 13.97 -18.51
C HIS A 307 4.14 14.58 -18.16
N LYS A 308 3.05 13.89 -18.51
CA LYS A 308 1.71 14.41 -18.22
C LYS A 308 1.50 14.55 -16.72
N LEU A 309 1.84 13.51 -15.95
CA LEU A 309 1.68 13.57 -14.51
C LEU A 309 2.62 14.59 -13.89
N ALA A 310 3.82 14.75 -14.44
CA ALA A 310 4.73 15.78 -13.93
C ALA A 310 4.13 17.16 -14.12
N GLU A 311 3.55 17.43 -15.28
CA GLU A 311 2.89 18.71 -15.51
C GLU A 311 1.69 18.89 -14.58
N ARG A 312 0.92 17.82 -14.37
CA ARG A 312 -0.21 17.91 -13.44
C ARG A 312 0.25 18.25 -12.03
N ILE A 313 1.32 17.60 -11.57
CA ILE A 313 1.83 17.85 -10.23
C ILE A 313 2.34 19.28 -10.10
N GLN A 314 3.09 19.75 -11.11
CA GLN A 314 3.59 21.12 -11.04
C GLN A 314 2.44 22.12 -11.04
N GLY A 315 1.41 21.87 -11.85
CA GLY A 315 0.25 22.75 -11.84
C GLY A 315 -0.48 22.75 -10.51
N PHE A 316 -0.63 21.57 -9.89
CA PHE A 316 -1.28 21.49 -8.59
C PHE A 316 -0.51 22.29 -7.54
N LEU A 317 0.81 22.13 -7.52
CA LEU A 317 1.62 22.87 -6.55
C LEU A 317 1.55 24.38 -6.80
N ASP A 318 1.59 24.78 -8.07
CA ASP A 318 1.52 26.20 -8.39
C ASP A 318 0.18 26.79 -7.97
N ARG A 319 -0.92 26.06 -8.22
CA ARG A 319 -2.23 26.53 -7.80
C ARG A 319 -2.35 26.60 -6.29
N LEU A 320 -1.77 25.63 -5.57
CA LEU A 320 -1.79 25.67 -4.12
C LEU A 320 -1.06 26.91 -3.61
N VAL A 321 0.10 27.23 -4.19
CA VAL A 321 0.85 28.42 -3.79
C VAL A 321 0.04 29.68 -4.11
N ASN A 322 -0.57 29.73 -5.28
CA ASN A 322 -1.35 30.91 -5.66
C ASN A 322 -2.54 31.11 -4.73
N ASP A 323 -3.19 30.02 -4.32
CA ASP A 323 -4.36 30.14 -3.46
C ASP A 323 -3.99 30.53 -2.04
N HIS A 324 -2.96 29.91 -1.47
CA HIS A 324 -2.69 30.05 -0.05
C HIS A 324 -1.30 30.59 0.29
N GLY A 325 -0.40 30.70 -0.68
CA GLY A 325 0.93 31.18 -0.40
C GLY A 325 1.85 30.17 0.24
N SER A 326 1.40 28.92 0.40
CA SER A 326 2.21 27.87 1.01
C SER A 326 1.65 26.52 0.57
N ILE A 327 2.54 25.55 0.42
CA ILE A 327 2.17 24.20 -0.02
C ILE A 327 1.83 23.42 1.25
N ASP A 328 0.58 23.54 1.70
CA ASP A 328 0.13 22.82 2.87
C ASP A 328 -1.39 22.71 2.82
N LEU A 329 -1.90 21.61 3.38
CA LEU A 329 -3.34 21.36 3.41
C LEU A 329 -3.79 20.82 4.76
N GLU A 330 -3.10 21.18 5.84
CA GLU A 330 -3.48 20.70 7.16
C GLU A 330 -4.83 21.25 7.60
N TRP A 331 -5.13 22.49 7.22
CA TRP A 331 -6.40 23.11 7.59
C TRP A 331 -7.61 22.40 6.97
N LEU A 332 -7.39 21.55 5.97
CA LEU A 332 -8.49 20.85 5.33
C LEU A 332 -9.15 19.85 6.27
N ARG A 333 -8.49 19.48 7.37
CA ARG A 333 -9.10 18.60 8.36
C ARG A 333 -10.05 19.35 9.29
N ASP A 334 -10.07 20.68 9.23
CA ASP A 334 -10.95 21.48 10.08
C ASP A 334 -12.25 21.86 9.38
N VAL A 335 -12.24 21.95 8.06
CA VAL A 335 -13.41 22.35 7.29
C VAL A 335 -14.44 21.22 7.29
N PRO A 336 -15.71 21.50 7.00
CA PRO A 336 -16.68 20.42 6.86
C PRO A 336 -16.32 19.52 5.71
N PRO A 337 -16.69 18.23 5.78
CA PRO A 337 -16.25 17.28 4.74
C PRO A 337 -16.69 17.64 3.34
N ASP A 338 -17.90 18.17 3.17
CA ASP A 338 -18.39 18.48 1.83
C ASP A 338 -17.59 19.61 1.18
N LYS A 339 -17.23 20.63 1.98
CA LYS A 339 -16.41 21.70 1.45
C LYS A 339 -15.04 21.19 1.02
N ALA A 340 -14.45 20.29 1.82
CA ALA A 340 -13.17 19.70 1.44
C ALA A 340 -13.29 18.89 0.15
N LYS A 341 -14.39 18.13 0.01
CA LYS A 341 -14.59 17.35 -1.21
C LYS A 341 -14.70 18.27 -2.43
N GLU A 342 -15.47 19.35 -2.31
CA GLU A 342 -15.61 20.27 -3.43
C GLU A 342 -14.28 20.95 -3.76
N TYR A 343 -13.54 21.35 -2.74
CA TYR A 343 -12.24 22.00 -2.99
C TYR A 343 -11.28 21.05 -3.69
N LEU A 344 -11.24 19.78 -3.26
CA LEU A 344 -10.36 18.81 -3.91
C LEU A 344 -10.82 18.52 -5.34
N LEU A 345 -12.13 18.41 -5.56
CA LEU A 345 -12.64 18.18 -6.91
C LEU A 345 -12.38 19.35 -7.83
N SER A 346 -12.21 20.56 -7.29
CA SER A 346 -11.96 21.72 -8.15
C SER A 346 -10.60 21.67 -8.82
N PHE A 347 -9.71 20.77 -8.42
CA PHE A 347 -8.36 20.72 -8.98
C PHE A 347 -8.35 20.05 -10.35
N ASN A 348 -7.52 20.58 -11.23
CA ASN A 348 -7.35 20.01 -12.57
C ASN A 348 -6.51 18.75 -12.48
N GLY A 349 -7.06 17.63 -12.95
CA GLY A 349 -6.40 16.35 -12.87
C GLY A 349 -6.85 15.47 -11.73
N LEU A 350 -7.88 15.85 -10.99
CA LEU A 350 -8.42 15.05 -9.90
C LEU A 350 -9.90 14.79 -10.13
N GLY A 351 -10.38 13.63 -9.77
CA GLY A 351 -11.78 13.32 -9.96
C GLY A 351 -12.26 12.63 -8.74
N LEU A 352 -13.41 12.00 -8.81
CA LEU A 352 -13.98 11.40 -7.62
C LEU A 352 -13.20 10.28 -7.01
N LYS A 353 -12.68 9.37 -7.80
CA LYS A 353 -12.04 8.22 -7.21
C LYS A 353 -10.86 8.63 -6.38
N SER A 354 -10.13 9.62 -6.85
CA SER A 354 -8.99 10.12 -6.11
C SER A 354 -9.38 10.86 -4.85
N VAL A 355 -10.19 11.91 -4.94
CA VAL A 355 -10.54 12.70 -3.76
C VAL A 355 -11.18 11.82 -2.69
N GLU A 356 -11.94 10.81 -3.08
CA GLU A 356 -12.48 9.89 -2.09
C GLU A 356 -11.37 9.14 -1.37
N CYS A 357 -10.35 8.70 -2.12
CA CYS A 357 -9.19 8.07 -1.48
C CYS A 357 -8.49 9.03 -0.52
N VAL A 358 -8.30 10.27 -0.96
CA VAL A 358 -7.62 11.26 -0.13
C VAL A 358 -8.40 11.48 1.17
N ARG A 359 -9.72 11.61 1.08
CA ARG A 359 -10.53 11.86 2.26
C ARG A 359 -10.54 10.64 3.19
N LEU A 360 -10.81 9.46 2.64
CA LEU A 360 -10.95 8.27 3.49
C LEU A 360 -9.64 7.90 4.16
N LEU A 361 -8.53 7.98 3.44
CA LEU A 361 -7.27 7.48 3.96
C LEU A 361 -6.43 8.52 4.70
N THR A 362 -6.68 9.80 4.48
CA THR A 362 -5.89 10.86 5.10
C THR A 362 -6.70 11.78 5.98
N LEU A 363 -7.83 12.28 5.49
CA LEU A 363 -8.67 13.20 6.24
C LEU A 363 -9.59 12.50 7.22
N HIS A 364 -9.62 11.17 7.21
CA HIS A 364 -10.43 10.37 8.12
C HIS A 364 -11.91 10.66 8.01
N HIS A 365 -12.35 11.18 6.85
CA HIS A 365 -13.76 11.48 6.65
C HIS A 365 -14.54 10.18 6.46
N LEU A 366 -15.82 10.32 6.15
CA LEU A 366 -16.68 9.19 5.80
C LEU A 366 -16.77 9.16 4.27
N ALA A 367 -15.97 8.30 3.66
CA ALA A 367 -15.94 8.18 2.21
C ALA A 367 -15.52 6.76 1.85
N PHE A 368 -15.77 6.38 0.60
CA PHE A 368 -15.43 5.05 0.11
C PHE A 368 -15.24 5.13 -1.39
N PRO A 369 -14.00 5.27 -1.86
CA PRO A 369 -13.76 5.32 -3.31
C PRO A 369 -14.14 4.02 -3.99
N VAL A 370 -14.65 4.15 -5.22
CA VAL A 370 -15.04 2.99 -6.01
C VAL A 370 -14.11 2.90 -7.22
N ASN A 371 -13.03 2.14 -7.10
CA ASN A 371 -12.09 1.99 -8.20
C ASN A 371 -12.43 0.75 -8.97
N THR A 372 -11.65 0.41 -10.00
CA THR A 372 -11.97 -0.72 -10.86
C THR A 372 -12.03 -2.02 -10.07
N ASN A 373 -11.09 -2.22 -9.14
CA ASN A 373 -11.06 -3.45 -8.36
C ASN A 373 -12.29 -3.56 -7.46
N VAL A 374 -12.70 -2.45 -6.84
CA VAL A 374 -13.85 -2.48 -5.94
C VAL A 374 -15.12 -2.79 -6.72
N GLY A 375 -15.30 -2.15 -7.88
CA GLY A 375 -16.50 -2.36 -8.66
C GLY A 375 -16.63 -3.79 -9.17
N ARG A 376 -15.52 -4.34 -9.66
CA ARG A 376 -15.55 -5.72 -10.15
C ARG A 376 -15.89 -6.70 -9.03
N ILE A 377 -15.30 -6.51 -7.85
CA ILE A 377 -15.59 -7.38 -6.71
C ILE A 377 -17.06 -7.25 -6.31
N ALA A 378 -17.57 -6.02 -6.28
CA ALA A 378 -18.97 -5.81 -5.90
C ALA A 378 -19.91 -6.47 -6.89
N VAL A 379 -19.63 -6.35 -8.19
CA VAL A 379 -20.47 -6.97 -9.20
C VAL A 379 -20.41 -8.49 -9.10
N ARG A 380 -19.21 -9.04 -8.93
CA ARG A 380 -19.07 -10.50 -8.87
C ARG A 380 -19.74 -11.06 -7.62
N LEU A 381 -19.63 -10.37 -6.49
CA LEU A 381 -20.24 -10.82 -5.26
C LEU A 381 -21.74 -10.53 -5.28
N GLY A 382 -22.43 -10.93 -4.20
CA GLY A 382 -23.87 -10.73 -4.11
C GLY A 382 -24.29 -9.28 -4.06
N TRP A 383 -23.37 -8.35 -3.88
CA TRP A 383 -23.71 -6.94 -3.87
C TRP A 383 -24.07 -6.48 -5.28
N VAL A 384 -24.65 -5.29 -5.37
CA VAL A 384 -25.02 -4.67 -6.64
C VAL A 384 -25.90 -5.61 -7.47
N GLU A 405 -19.85 5.44 -12.97
CA GLU A 405 -20.50 6.25 -11.96
C GLU A 405 -21.77 5.59 -11.44
N SER A 406 -22.27 4.62 -12.21
CA SER A 406 -23.50 3.92 -11.80
C SER A 406 -23.27 3.12 -10.52
N ILE A 407 -22.12 2.47 -10.39
CA ILE A 407 -21.81 1.73 -9.17
C ILE A 407 -21.68 2.68 -7.98
N GLN A 408 -21.15 3.88 -8.23
CA GLN A 408 -21.04 4.87 -7.16
C GLN A 408 -22.42 5.28 -6.64
N LYS A 409 -23.38 5.44 -7.54
CA LYS A 409 -24.73 5.86 -7.12
C LYS A 409 -25.44 4.76 -6.36
N TYR A 410 -25.14 3.49 -6.67
CA TYR A 410 -25.80 2.39 -5.97
C TYR A 410 -25.21 2.18 -4.58
N LEU A 411 -23.91 2.40 -4.42
CA LEU A 411 -23.22 2.02 -3.19
C LEU A 411 -23.10 3.17 -2.19
N TRP A 412 -22.86 4.39 -2.66
CA TRP A 412 -22.61 5.50 -1.75
C TRP A 412 -23.79 5.80 -0.83
N PRO A 413 -25.03 5.91 -1.32
CA PRO A 413 -26.15 6.04 -0.37
C PRO A 413 -26.29 4.88 0.59
N ARG A 414 -25.99 3.66 0.14
CA ARG A 414 -26.08 2.48 0.99
C ARG A 414 -24.88 2.31 1.91
N LEU A 415 -23.81 3.07 1.70
CA LEU A 415 -22.57 2.95 2.47
C LEU A 415 -22.07 4.33 2.88
N CYS A 416 -22.98 5.15 3.41
CA CYS A 416 -22.65 6.52 3.78
C CYS A 416 -22.55 6.77 5.28
N LYS A 417 -23.10 5.87 6.11
CA LYS A 417 -23.09 6.05 7.56
C LYS A 417 -22.51 4.80 8.22
N LEU A 418 -21.18 4.77 8.31
CA LEU A 418 -20.47 3.69 9.00
C LEU A 418 -19.24 4.28 9.66
N ASP A 419 -18.70 3.54 10.63
CA ASP A 419 -17.52 4.00 11.34
C ASP A 419 -16.34 4.15 10.38
N GLN A 420 -15.51 5.17 10.62
CA GLN A 420 -14.37 5.41 9.75
C GLN A 420 -13.38 4.26 9.79
N LYS A 421 -13.20 3.65 10.96
CA LYS A 421 -12.33 2.48 11.05
C LYS A 421 -12.88 1.32 10.23
N THR A 422 -14.21 1.13 10.27
CA THR A 422 -14.83 0.08 9.47
C THR A 422 -14.64 0.33 7.98
N LEU A 423 -14.84 1.57 7.54
CA LEU A 423 -14.63 1.90 6.13
C LEU A 423 -13.18 1.67 5.72
N TYR A 424 -12.24 2.09 6.57
CA TYR A 424 -10.82 1.90 6.25
C TYR A 424 -10.47 0.42 6.13
N GLU A 425 -10.91 -0.38 7.11
CA GLU A 425 -10.61 -1.81 7.07
C GLU A 425 -11.25 -2.48 5.86
N LEU A 426 -12.50 -2.11 5.55
CA LEU A 426 -13.17 -2.69 4.40
C LEU A 426 -12.42 -2.35 3.12
N HIS A 427 -12.00 -1.09 2.97
CA HIS A 427 -11.27 -0.70 1.77
C HIS A 427 -9.95 -1.44 1.64
N TYR A 428 -9.20 -1.55 2.74
CA TYR A 428 -7.92 -2.24 2.71
C TYR A 428 -8.10 -3.70 2.32
N GLN A 429 -9.05 -4.39 2.97
CA GLN A 429 -9.24 -5.79 2.64
C GLN A 429 -9.81 -5.97 1.24
N MET A 430 -10.60 -5.01 0.75
CA MET A 430 -11.13 -5.11 -0.61
C MET A 430 -10.01 -5.02 -1.63
N ILE A 431 -9.09 -4.07 -1.44
CA ILE A 431 -8.00 -3.95 -2.43
C ILE A 431 -7.07 -5.16 -2.35
N THR A 432 -6.77 -5.65 -1.14
CA THR A 432 -5.92 -6.83 -1.05
C THR A 432 -6.61 -8.07 -1.62
N PHE A 433 -7.92 -8.20 -1.41
CA PHE A 433 -8.68 -9.31 -1.96
C PHE A 433 -8.72 -9.25 -3.47
N GLY A 434 -8.85 -8.05 -4.04
CA GLY A 434 -8.77 -7.92 -5.48
C GLY A 434 -7.41 -8.29 -6.02
N LYS A 435 -6.36 -7.99 -5.26
CA LYS A 435 -5.01 -8.35 -5.70
C LYS A 435 -4.77 -9.85 -5.62
N VAL A 436 -5.30 -10.52 -4.60
CA VAL A 436 -4.91 -11.90 -4.32
C VAL A 436 -5.85 -12.92 -4.95
N PHE A 437 -7.12 -12.90 -4.54
CA PHE A 437 -8.06 -13.96 -4.90
C PHE A 437 -8.90 -13.64 -6.13
N CYS A 438 -9.48 -12.45 -6.19
CA CYS A 438 -10.45 -12.09 -7.23
C CYS A 438 -9.78 -11.13 -8.20
N THR A 439 -9.07 -11.69 -9.18
CA THR A 439 -8.45 -10.91 -10.24
C THR A 439 -9.32 -10.93 -11.49
N LYS A 440 -9.00 -10.02 -12.42
CA LYS A 440 -9.78 -9.93 -13.64
C LYS A 440 -9.66 -11.18 -14.49
N SER A 441 -8.45 -11.74 -14.59
CA SER A 441 -8.19 -12.94 -15.39
C SER A 441 -7.86 -14.10 -14.46
N LYS A 442 -8.64 -15.18 -14.55
CA LYS A 442 -8.47 -16.40 -13.78
C LYS A 442 -8.38 -16.12 -12.29
N PRO A 443 -9.47 -15.72 -11.64
CA PRO A 443 -9.45 -15.59 -10.18
C PRO A 443 -9.29 -16.93 -9.50
N ASN A 444 -8.66 -16.92 -8.33
CA ASN A 444 -8.39 -18.14 -7.57
C ASN A 444 -9.66 -18.64 -6.86
N CYS A 445 -10.69 -18.91 -7.67
CA CYS A 445 -11.97 -19.32 -7.11
C CYS A 445 -11.88 -20.64 -6.37
N ASN A 446 -10.87 -21.46 -6.65
CA ASN A 446 -10.72 -22.72 -5.94
C ASN A 446 -10.42 -22.49 -4.45
N ALA A 447 -9.55 -21.53 -4.15
CA ALA A 447 -9.12 -21.27 -2.79
C ALA A 447 -9.74 -20.00 -2.20
N CYS A 448 -10.72 -19.41 -2.87
CA CYS A 448 -11.34 -18.19 -2.37
C CYS A 448 -12.26 -18.52 -1.19
N PRO A 449 -12.15 -17.79 -0.07
CA PRO A 449 -13.03 -18.08 1.08
C PRO A 449 -14.49 -17.68 0.85
N MET A 450 -14.81 -16.99 -0.23
CA MET A 450 -16.15 -16.47 -0.48
C MET A 450 -16.84 -17.22 -1.61
N LYS A 451 -16.60 -18.53 -1.71
CA LYS A 451 -17.19 -19.32 -2.79
C LYS A 451 -18.71 -19.38 -2.66
N GLY A 452 -19.22 -19.54 -1.44
CA GLY A 452 -20.65 -19.67 -1.24
C GLY A 452 -21.42 -18.37 -1.37
N GLU A 453 -20.72 -17.23 -1.42
CA GLU A 453 -21.35 -15.93 -1.48
C GLU A 453 -21.12 -15.21 -2.80
N CYS A 454 -20.51 -15.86 -3.78
CA CYS A 454 -20.19 -15.23 -5.05
C CYS A 454 -21.20 -15.63 -6.12
N ARG A 455 -21.05 -15.01 -7.29
CA ARG A 455 -21.87 -15.30 -8.46
C ARG A 455 -21.12 -15.94 -9.60
N HIS A 456 -19.88 -15.51 -9.86
CA HIS A 456 -19.08 -16.18 -10.89
C HIS A 456 -18.85 -17.64 -10.54
N PHE A 457 -18.53 -17.93 -9.28
CA PHE A 457 -18.43 -19.31 -8.85
C PHE A 457 -19.78 -20.00 -8.85
N ALA A 458 -20.84 -19.27 -8.50
CA ALA A 458 -22.18 -19.85 -8.54
C ALA A 458 -22.61 -20.15 -9.97
N SER A 459 -22.30 -19.26 -10.91
CA SER A 459 -22.66 -19.49 -12.30
C SER A 459 -21.76 -20.51 -12.97
N ALA A 460 -20.50 -20.61 -12.56
CA ALA A 460 -19.58 -21.57 -13.16
C ALA A 460 -20.06 -23.00 -12.94
N PHE A 461 -20.52 -23.31 -11.72
CA PHE A 461 -21.07 -24.62 -11.42
C PHE A 461 -22.57 -24.63 -11.71
N SER A 561 7.59 -22.68 -8.91
CA SER A 561 7.23 -21.92 -10.11
C SER A 561 8.14 -20.72 -10.29
N GLN A 562 8.12 -20.14 -11.50
CA GLN A 562 8.91 -18.95 -11.76
C GLN A 562 8.29 -17.70 -11.15
N LEU A 563 7.00 -17.74 -10.82
CA LEU A 563 6.33 -16.56 -10.29
C LEU A 563 6.88 -16.16 -8.92
N ARG A 564 7.12 -17.13 -8.05
CA ARG A 564 7.60 -16.87 -6.70
C ARG A 564 8.80 -17.74 -6.37
N THR A 565 9.68 -17.21 -5.53
CA THR A 565 10.83 -17.95 -5.03
C THR A 565 10.84 -17.86 -3.51
N GLU A 566 10.96 -19.00 -2.85
CA GLU A 566 10.92 -19.08 -1.39
C GLU A 566 12.33 -19.22 -0.85
N HIS A 567 12.70 -18.35 0.09
CA HIS A 567 14.01 -18.38 0.74
C HIS A 567 13.80 -18.33 2.24
N ARG A 568 14.05 -19.44 2.93
CA ARG A 568 13.92 -19.48 4.38
C ARG A 568 15.01 -18.65 5.03
N VAL A 569 14.64 -17.83 6.01
CA VAL A 569 15.52 -16.84 6.62
C VAL A 569 15.44 -16.96 8.13
N TYR A 570 16.27 -16.17 8.82
CA TYR A 570 16.32 -16.13 10.27
C TYR A 570 15.74 -14.81 10.76
N GLU A 571 15.12 -14.85 11.94
CA GLU A 571 14.53 -13.65 12.54
C GLU A 571 15.51 -13.05 13.53
N LEU A 572 15.78 -11.75 13.39
CA LEU A 572 16.79 -11.06 14.18
C LEU A 572 16.14 -10.24 15.28
N PRO A 573 16.30 -10.58 16.55
CA PRO A 573 15.84 -9.70 17.62
C PRO A 573 16.60 -8.38 17.62
N ASP A 574 15.94 -7.33 18.07
CA ASP A 574 16.51 -5.98 17.98
C ASP A 574 17.76 -5.80 18.84
N GLU A 575 18.04 -6.70 19.77
CA GLU A 575 19.25 -6.64 20.57
C GLU A 575 20.42 -7.37 19.92
N HIS A 576 20.24 -7.92 18.71
CA HIS A 576 21.31 -8.60 18.03
C HIS A 576 22.40 -7.61 17.60
N PRO A 577 23.66 -8.03 17.62
CA PRO A 577 24.74 -7.11 17.23
C PRO A 577 24.64 -6.61 15.79
N LEU A 578 24.09 -7.42 14.88
CA LEU A 578 24.03 -7.01 13.47
C LEU A 578 23.18 -5.77 13.27
N LEU A 579 22.17 -5.57 14.12
CA LEU A 579 21.27 -4.43 14.00
C LEU A 579 21.77 -3.20 14.75
N ALA A 580 23.08 -3.08 14.94
CA ALA A 580 23.63 -1.98 15.74
C ALA A 580 23.35 -0.63 15.09
N GLN A 581 23.48 -0.54 13.77
CA GLN A 581 23.30 0.70 13.03
C GLN A 581 22.12 0.65 12.07
N LEU A 582 20.99 0.13 12.53
CA LEU A 582 19.82 -0.05 11.69
C LEU A 582 18.57 0.62 12.25
N GLU A 583 18.72 1.81 12.83
CA GLU A 583 17.64 2.72 13.21
C GLU A 583 16.73 2.17 14.30
N LYS A 584 17.01 0.97 14.82
CA LYS A 584 16.30 0.44 15.99
C LYS A 584 14.80 0.35 15.76
N ARG A 585 14.40 0.00 14.53
CA ARG A 585 13.01 -0.25 14.17
C ARG A 585 12.10 0.93 14.48
N GLU A 586 10.81 0.66 14.63
CA GLU A 586 9.80 1.67 14.93
C GLU A 586 8.86 1.13 16.00
N PRO A 587 8.28 2.01 16.82
CA PRO A 587 7.37 1.52 17.88
C PRO A 587 6.16 0.79 17.33
N ASP A 588 5.64 1.20 16.18
CA ASP A 588 4.39 0.68 15.64
C ASP A 588 4.61 -0.35 14.53
N ASP A 589 5.85 -0.79 14.32
CA ASP A 589 6.11 -1.76 13.28
C ASP A 589 5.73 -3.16 13.75
N PRO A 590 4.86 -3.87 13.02
CA PRO A 590 4.39 -5.19 13.47
C PRO A 590 5.28 -6.36 13.09
N CYS A 591 6.39 -6.14 12.40
CA CYS A 591 7.26 -7.22 11.96
C CYS A 591 8.71 -6.88 12.27
N SER A 592 9.52 -7.92 12.43
CA SER A 592 10.91 -7.80 12.87
C SER A 592 11.86 -7.83 11.68
N TYR A 593 13.15 -7.70 11.98
CA TYR A 593 14.18 -7.82 10.97
C TYR A 593 14.38 -9.29 10.59
N LEU A 594 14.92 -9.51 9.39
CA LEU A 594 15.21 -10.84 8.89
C LEU A 594 16.62 -10.85 8.30
N LEU A 595 17.22 -12.04 8.29
CA LEU A 595 18.53 -12.24 7.69
C LEU A 595 18.44 -13.38 6.69
N ALA A 596 18.76 -13.11 5.43
CA ALA A 596 18.65 -14.08 4.35
C ALA A 596 20.04 -14.62 4.02
N ILE A 597 20.32 -15.84 4.46
CA ILE A 597 21.62 -16.46 4.24
C ILE A 597 21.68 -17.06 2.85
N TRP A 598 22.86 -17.00 2.23
CA TRP A 598 23.04 -17.55 0.88
C TRP A 598 23.20 -19.06 0.92
N VAL A 642 26.80 -18.31 6.58
CA VAL A 642 28.04 -17.54 6.72
C VAL A 642 27.85 -16.14 6.15
N ARG A 643 27.26 -16.07 4.96
CA ARG A 643 26.95 -14.81 4.31
C ARG A 643 25.44 -14.64 4.24
N GLY A 644 24.96 -13.44 4.57
CA GLY A 644 23.54 -13.19 4.60
C GLY A 644 23.21 -11.77 4.16
N THR A 645 21.94 -11.58 3.81
CA THR A 645 21.40 -10.28 3.47
C THR A 645 20.25 -9.97 4.43
N ILE A 646 20.24 -8.75 4.96
CA ILE A 646 19.25 -8.33 5.94
C ILE A 646 18.02 -7.79 5.22
N LEU A 647 16.84 -8.15 5.74
CA LEU A 647 15.57 -7.69 5.19
C LEU A 647 14.97 -6.67 6.14
N ILE A 648 14.86 -5.43 5.69
CA ILE A 648 14.39 -4.32 6.52
C ILE A 648 12.88 -4.18 6.32
N PRO A 649 12.08 -4.15 7.39
CA PRO A 649 10.63 -4.03 7.23
C PRO A 649 10.24 -2.71 6.56
N CYS A 650 9.14 -2.75 5.81
CA CYS A 650 8.72 -1.60 5.03
C CYS A 650 8.38 -0.40 5.91
N ARG A 651 7.63 -0.64 7.00
CA ARG A 651 7.25 0.46 7.88
C ARG A 651 8.46 1.05 8.57
N THR A 652 9.40 0.20 9.01
CA THR A 652 10.64 0.69 9.58
C THR A 652 11.48 1.43 8.54
N ALA A 653 11.57 0.88 7.33
CA ALA A 653 12.40 1.50 6.30
C ALA A 653 11.88 2.89 5.93
N MET A 654 10.55 3.02 5.81
CA MET A 654 9.96 4.31 5.49
C MET A 654 9.79 5.21 6.70
N ARG A 655 9.98 4.69 7.92
CA ARG A 655 9.81 5.46 9.15
C ARG A 655 8.40 6.03 9.25
N GLY A 656 7.41 5.18 8.97
CA GLY A 656 6.06 5.70 8.78
C GLY A 656 6.06 6.65 7.62
N SER A 657 5.30 7.74 7.75
CA SER A 657 5.37 8.89 6.84
C SER A 657 5.23 8.46 5.38
N PHE A 658 4.21 7.67 5.09
CA PHE A 658 3.95 7.30 3.70
C PHE A 658 2.51 7.63 3.35
N PRO A 659 2.26 8.13 2.15
CA PRO A 659 0.92 8.61 1.80
C PRO A 659 -0.13 7.52 1.86
N LEU A 660 -1.38 7.96 1.98
CA LEU A 660 -2.56 7.08 1.97
C LEU A 660 -2.47 6.04 3.08
N ASN A 661 -1.82 6.38 4.17
CA ASN A 661 -1.66 5.44 5.28
C ASN A 661 -0.95 4.15 4.88
N GLY A 662 -0.05 4.22 3.92
CA GLY A 662 0.73 3.05 3.54
C GLY A 662 -0.07 1.86 3.19
N THR A 663 -1.12 2.05 2.41
CA THR A 663 -1.98 0.96 1.99
C THR A 663 -1.40 0.41 0.70
N TYR A 664 -0.27 0.96 0.26
CA TYR A 664 0.40 0.49 -0.95
C TYR A 664 1.15 -0.80 -0.68
N PHE A 665 1.62 -0.98 0.54
CA PHE A 665 2.32 -2.18 0.93
C PHE A 665 1.37 -3.14 1.64
N GLN A 666 1.82 -4.39 1.76
CA GLN A 666 1.10 -5.37 2.57
C GLN A 666 1.45 -5.19 4.03
N VAL A 667 0.72 -5.88 4.90
CA VAL A 667 1.05 -5.86 6.32
C VAL A 667 2.38 -6.55 6.57
N ASN A 668 2.60 -7.70 5.92
CA ASN A 668 3.88 -8.41 6.00
C ASN A 668 4.66 -8.14 4.72
N GLU A 669 5.29 -6.97 4.67
CA GLU A 669 6.16 -6.62 3.55
C GLU A 669 7.50 -6.15 4.10
N VAL A 670 8.58 -6.66 3.52
CA VAL A 670 9.93 -6.29 3.90
C VAL A 670 10.69 -5.90 2.64
N PHE A 671 11.68 -5.03 2.80
CA PHE A 671 12.54 -4.67 1.69
C PHE A 671 13.83 -5.48 1.77
N ALA A 672 14.66 -5.36 0.73
CA ALA A 672 15.95 -6.02 0.68
C ALA A 672 17.04 -4.95 0.68
N ASP A 673 17.97 -5.05 1.63
CA ASP A 673 19.05 -4.07 1.71
C ASP A 673 19.96 -4.20 0.50
N HIS A 674 20.16 -3.08 -0.20
CA HIS A 674 20.93 -3.12 -1.44
C HIS A 674 22.41 -3.33 -1.16
N ALA A 675 22.95 -2.61 -0.17
CA ALA A 675 24.36 -2.77 0.17
C ALA A 675 24.65 -4.17 0.67
N SER A 676 23.73 -4.73 1.47
CA SER A 676 23.91 -6.10 1.94
C SER A 676 23.71 -7.11 0.82
N SER A 677 22.89 -6.77 -0.18
CA SER A 677 22.68 -7.68 -1.30
C SER A 677 23.91 -7.74 -2.21
N LEU A 678 24.49 -6.58 -2.53
CA LEU A 678 25.67 -6.55 -3.39
C LEU A 678 26.86 -7.22 -2.71
N ASN A 679 27.14 -6.83 -1.47
CA ASN A 679 28.24 -7.41 -0.70
C ASN A 679 27.69 -8.01 0.58
N PRO A 680 27.42 -9.32 0.61
CA PRO A 680 26.84 -9.93 1.81
C PRO A 680 27.76 -9.78 3.02
N ILE A 681 27.14 -9.64 4.18
CA ILE A 681 27.88 -9.46 5.42
C ILE A 681 28.34 -10.82 5.94
N ASN A 682 29.63 -10.97 6.18
CA ASN A 682 30.15 -12.20 6.75
C ASN A 682 29.73 -12.31 8.21
N VAL A 683 28.92 -13.32 8.52
CA VAL A 683 28.42 -13.49 9.88
C VAL A 683 28.81 -14.88 10.39
N PRO A 684 29.17 -15.01 11.66
CA PRO A 684 29.42 -16.35 12.22
C PRO A 684 28.13 -17.12 12.40
N ARG A 685 28.24 -18.44 12.42
CA ARG A 685 27.08 -19.31 12.59
C ARG A 685 26.64 -19.43 14.04
N GLU A 686 27.44 -18.92 14.98
CA GLU A 686 27.07 -19.01 16.38
C GLU A 686 25.99 -18.00 16.75
N LEU A 687 26.00 -16.82 16.14
CA LEU A 687 25.04 -15.78 16.49
C LEU A 687 23.62 -16.13 16.05
N ILE A 688 23.48 -16.87 14.95
CA ILE A 688 22.17 -17.14 14.37
C ILE A 688 21.81 -18.61 14.57
N TRP A 689 22.36 -19.24 15.61
CA TRP A 689 22.18 -20.67 15.79
C TRP A 689 20.76 -21.01 16.25
N GLU A 690 20.23 -20.26 17.22
CA GLU A 690 18.95 -20.59 17.83
C GLU A 690 17.80 -19.73 17.35
N LEU A 691 17.99 -18.90 16.33
CA LEU A 691 16.94 -18.03 15.86
C LEU A 691 15.89 -18.82 15.07
N PRO A 692 14.62 -18.42 15.16
CA PRO A 692 13.58 -19.11 14.39
C PRO A 692 13.69 -18.82 12.90
N ARG A 693 13.08 -19.71 12.11
CA ARG A 693 13.18 -19.67 10.66
C ARG A 693 11.81 -19.43 10.03
N ARG A 694 11.75 -18.53 9.05
CA ARG A 694 10.51 -18.15 8.39
C ARG A 694 10.74 -17.92 6.91
N THR A 695 9.67 -18.04 6.13
CA THR A 695 9.74 -17.89 4.68
C THR A 695 9.54 -16.43 4.28
N VAL A 696 9.89 -16.13 3.02
CA VAL A 696 9.79 -14.75 2.54
C VAL A 696 8.97 -14.64 1.25
N TYR A 697 8.93 -15.71 0.45
CA TYR A 697 8.16 -15.75 -0.80
C TYR A 697 8.48 -14.55 -1.69
N PHE A 698 9.72 -14.50 -2.16
CA PHE A 698 10.14 -13.43 -3.06
C PHE A 698 9.35 -13.46 -4.36
N GLY A 699 9.45 -12.37 -5.12
CA GLY A 699 8.74 -12.28 -6.38
C GLY A 699 8.88 -10.90 -6.98
N THR A 700 7.99 -10.60 -7.93
CA THR A 700 8.00 -9.32 -8.63
C THR A 700 6.74 -8.50 -8.44
N SER A 701 5.62 -9.12 -8.06
CA SER A 701 4.39 -8.39 -7.77
C SER A 701 3.51 -9.26 -6.89
N VAL A 702 2.62 -8.60 -6.15
CA VAL A 702 1.73 -9.33 -5.26
C VAL A 702 0.83 -10.32 -5.99
N PRO A 703 0.13 -9.95 -7.08
CA PRO A 703 -0.75 -10.94 -7.72
C PRO A 703 -0.03 -12.17 -8.24
N THR A 704 1.20 -12.02 -8.74
CA THR A 704 1.88 -13.14 -9.38
C THR A 704 2.31 -14.20 -8.37
N ILE A 705 2.87 -13.78 -7.23
CA ILE A 705 3.41 -14.73 -6.28
C ILE A 705 2.34 -15.50 -5.51
N PHE A 706 1.09 -15.07 -5.60
CA PHE A 706 -0.01 -15.78 -4.96
C PHE A 706 -0.82 -16.64 -5.94
N LYS A 707 -0.42 -16.67 -7.21
CA LYS A 707 -1.16 -17.47 -8.18
C LYS A 707 -0.99 -18.95 -7.91
N GLY A 708 -2.12 -19.66 -7.82
CA GLY A 708 -2.12 -21.08 -7.60
C GLY A 708 -1.93 -21.52 -6.16
N LEU A 709 -1.62 -20.59 -5.25
CA LEU A 709 -1.38 -20.96 -3.87
C LEU A 709 -2.66 -21.42 -3.19
N SER A 710 -2.54 -22.44 -2.34
CA SER A 710 -3.67 -22.94 -1.59
C SER A 710 -4.03 -21.98 -0.46
N THR A 711 -5.22 -22.20 0.11
CA THR A 711 -5.68 -21.33 1.19
C THR A 711 -4.74 -21.39 2.39
N GLU A 712 -4.29 -22.58 2.75
CA GLU A 712 -3.39 -22.72 3.88
C GLU A 712 -2.08 -21.99 3.65
N LYS A 713 -1.54 -22.07 2.42
CA LYS A 713 -0.28 -21.38 2.14
C LYS A 713 -0.43 -19.87 2.23
N ILE A 714 -1.52 -19.32 1.71
CA ILE A 714 -1.74 -17.88 1.79
C ILE A 714 -1.92 -17.45 3.24
N GLN A 715 -2.69 -18.22 4.01
CA GLN A 715 -2.90 -17.90 5.42
C GLN A 715 -1.58 -17.94 6.19
N ALA A 716 -0.76 -18.95 5.95
CA ALA A 716 0.53 -19.05 6.63
C ALA A 716 1.44 -17.92 6.22
N CYS A 717 1.46 -17.54 4.95
CA CYS A 717 2.29 -16.43 4.50
C CYS A 717 1.85 -15.12 5.14
N PHE A 718 0.55 -14.93 5.31
CA PHE A 718 0.07 -13.65 5.82
C PHE A 718 0.12 -13.56 7.35
N TRP A 719 0.09 -14.69 8.05
CA TRP A 719 0.15 -14.67 9.51
C TRP A 719 1.55 -14.92 10.07
N LYS A 720 2.26 -15.90 9.54
CA LYS A 720 3.59 -16.28 10.01
C LYS A 720 4.59 -16.28 8.86
N GLY A 721 4.55 -15.22 8.05
CA GLY A 721 5.44 -15.13 6.91
C GLY A 721 5.59 -13.70 6.46
N TYR A 722 6.38 -13.52 5.40
CA TYR A 722 6.69 -12.20 4.88
C TYR A 722 6.63 -12.24 3.36
N VAL A 723 6.75 -11.06 2.74
CA VAL A 723 6.67 -10.90 1.30
C VAL A 723 7.63 -9.79 0.88
N CYS A 724 8.41 -10.02 -0.16
CA CYS A 724 9.38 -9.04 -0.65
C CYS A 724 9.33 -8.98 -2.17
N VAL A 725 9.15 -7.78 -2.71
CA VAL A 725 9.19 -7.57 -4.16
C VAL A 725 10.07 -6.38 -4.50
N ARG A 726 10.80 -5.85 -3.52
CA ARG A 726 11.56 -4.62 -3.72
C ARG A 726 12.95 -4.75 -3.14
N GLY A 727 13.82 -3.84 -3.58
CA GLY A 727 15.12 -3.63 -2.98
C GLY A 727 15.30 -2.19 -2.57
N PHE A 728 15.78 -1.94 -1.35
CA PHE A 728 15.87 -0.60 -0.79
C PHE A 728 17.33 -0.27 -0.52
N ASP A 729 17.73 0.94 -0.89
CA ASP A 729 19.08 1.45 -0.67
C ASP A 729 19.05 2.36 0.55
N ARG A 730 19.65 1.90 1.66
CA ARG A 730 19.55 2.64 2.91
C ARG A 730 20.21 4.02 2.82
N LYS A 731 21.34 4.12 2.13
CA LYS A 731 22.06 5.38 2.08
C LYS A 731 21.27 6.45 1.34
N THR A 732 20.76 6.13 0.15
CA THR A 732 20.06 7.11 -0.66
C THR A 732 18.56 7.09 -0.47
N ARG A 733 18.02 6.11 0.27
CA ARG A 733 16.59 5.99 0.52
C ARG A 733 15.79 5.86 -0.78
N GLY A 734 16.39 5.27 -1.80
CA GLY A 734 15.73 5.10 -3.07
C GLY A 734 15.49 3.64 -3.40
N PRO A 735 14.42 3.36 -4.14
CA PRO A 735 14.14 1.98 -4.54
C PRO A 735 15.17 1.48 -5.54
N LYS A 736 15.44 0.17 -5.46
CA LYS A 736 16.39 -0.48 -6.34
C LYS A 736 15.79 -1.80 -6.81
N PRO A 737 16.17 -2.26 -8.00
CA PRO A 737 15.66 -3.56 -8.48
C PRO A 737 16.13 -4.69 -7.57
N LEU A 738 15.25 -5.69 -7.41
CA LEU A 738 15.59 -6.85 -6.60
C LEU A 738 16.77 -7.59 -7.20
N ILE A 739 17.65 -8.11 -6.34
CA ILE A 739 18.89 -8.71 -6.83
C ILE A 739 18.59 -10.02 -7.55
N ALA A 740 19.53 -10.43 -8.41
CA ALA A 740 19.28 -11.53 -9.33
C ALA A 740 19.13 -12.86 -8.60
N ARG A 741 19.96 -13.12 -7.58
CA ARG A 741 19.93 -14.41 -6.92
C ARG A 741 18.64 -14.61 -6.13
N LEU A 742 18.13 -13.55 -5.51
CA LEU A 742 16.88 -13.66 -4.76
C LEU A 742 15.70 -13.92 -5.69
N HIS A 743 15.63 -13.21 -6.81
CA HIS A 743 14.60 -13.44 -7.81
C HIS A 743 15.03 -12.88 -9.16
#